data_7PKV
#
_entry.id   7PKV
#
_cell.length_a   60.240
_cell.length_b   71.910
_cell.length_c   78.530
_cell.angle_alpha   90.000
_cell.angle_beta   90.000
_cell.angle_gamma   90.000
#
_symmetry.space_group_name_H-M   'P 21 21 21'
#
loop_
_entity.id
_entity.type
_entity.pdbx_description
1 polymer 'Palmitoleoyl-protein carboxylesterase NOTUM'
2 non-polymer 'SULFATE ION'
3 non-polymer 2-acetamido-2-deoxy-beta-D-glucopyranose
4 non-polymer 'DIMETHYL SULFOXIDE'
5 non-polymer [1-[4-chloranyl-3-(trifluoromethyl)phenyl]-1,2,3-triazol-4-yl]methanol
6 water water
#
_entity_poly.entity_id   1
_entity_poly.type   'polypeptide(L)'
_entity_poly.pdbx_seq_one_letter_code
;ETGSAQQLNEDLRLHLLLNTSVTCNDGSPAGYYLKESRGSRRWLLFLEGGWYCFNRENCDSRYDTMRRLMSSRDWPRTRT
GTGILSSQPEENPYWWNANMVFIPYCSSDVWSGASSKSEKNEYAFMGALIIQEVVRELLGRGLSGAKVLLLAGSSAGGTG
VLLNVDRVAEQLEKLGYPAIQVRGLADSGWFLDNKQYRHTDCVDTITCAPTEAIRRGIRYWNGVVPERCRRQFQEGEEWN
CFFGYKVYPTLRSPVFVVQWLFDEAQLTVDNVHLTGQPVQEGLRLYIQNLGRELRHTLKDVPASFAPACLSHEIIIRSHW
TDVQVKGTSLPRALHCWDRSLHDSHKASKTPLKGCPVHLVDSCPWPHCNPSCPTGTKHHHHHH
;
_entity_poly.pdbx_strand_id   A
#
loop_
_chem_comp.id
_chem_comp.type
_chem_comp.name
_chem_comp.formula
63Z non-polymer [1-[4-chloranyl-3-(trifluoromethyl)phenyl]-1,2,3-triazol-4-yl]methanol 'C10 H7 Cl F3 N3 O'
DMS non-polymer 'DIMETHYL SULFOXIDE' 'C2 H6 O S'
NAG D-saccharide, beta linking 2-acetamido-2-deoxy-beta-D-glucopyranose 'C8 H15 N O6'
SO4 non-polymer 'SULFATE ION' 'O4 S -2'
#
# COMPACT_ATOMS: atom_id res chain seq x y z
N GLU A 10 -20.11 -2.80 10.44
CA GLU A 10 -19.25 -2.19 11.45
C GLU A 10 -18.59 -3.27 12.30
N ASP A 11 -17.79 -4.11 11.65
CA ASP A 11 -17.32 -5.31 12.31
C ASP A 11 -15.88 -5.25 12.80
N LEU A 12 -15.11 -4.22 12.43
CA LEU A 12 -13.74 -4.10 12.92
C LEU A 12 -13.69 -3.10 14.08
N ARG A 13 -13.07 -3.51 15.19
CA ARG A 13 -13.09 -2.75 16.44
C ARG A 13 -11.77 -2.03 16.67
N LEU A 14 -11.84 -0.78 17.10
CA LEU A 14 -10.63 0.03 17.29
C LEU A 14 -9.86 -0.39 18.52
N HIS A 15 -8.54 -0.50 18.38
CA HIS A 15 -7.62 -0.67 19.50
C HIS A 15 -6.54 0.39 19.38
N LEU A 16 -6.47 1.30 20.35
CA LEU A 16 -5.36 2.23 20.37
C LEU A 16 -4.12 1.52 20.91
N LEU A 17 -2.96 1.92 20.42
CA LEU A 17 -1.75 1.19 20.78
C LEU A 17 -1.48 1.34 22.28
N LEU A 18 -1.12 0.22 22.92
CA LEU A 18 -0.77 0.26 24.34
C LEU A 18 0.53 1.03 24.56
N ASN A 19 1.47 0.91 23.63
CA ASN A 19 2.67 1.77 23.64
C ASN A 19 2.23 3.12 23.10
N THR A 20 1.89 4.04 24.00
CA THR A 20 1.37 5.34 23.60
C THR A 20 2.46 6.29 23.10
N SER A 21 3.74 5.88 23.13
CA SER A 21 4.79 6.68 22.50
C SER A 21 4.86 6.45 20.98
N VAL A 22 4.06 5.54 20.45
CA VAL A 22 3.94 5.33 19.01
C VAL A 22 2.69 6.09 18.61
N THR A 23 2.88 7.23 17.95
CA THR A 23 1.82 8.21 17.82
C THR A 23 1.56 8.58 16.37
N CYS A 24 0.36 9.10 16.16
CA CYS A 24 0.00 9.87 14.99
C CYS A 24 0.77 11.19 14.94
N ASN A 25 0.55 11.96 13.87
CA ASN A 25 1.31 13.20 13.67
C ASN A 25 1.24 14.11 14.88
N ASP A 26 0.06 14.22 15.49
CA ASP A 26 -0.11 15.22 16.53
C ASP A 26 0.19 14.70 17.92
N GLY A 27 0.76 13.50 18.06
CA GLY A 27 1.06 12.94 19.35
C GLY A 27 -0.03 12.07 19.95
N SER A 28 -1.23 12.07 19.36
CA SER A 28 -2.27 11.13 19.79
C SER A 28 -1.84 9.71 19.45
N PRO A 29 -2.30 8.71 20.20
CA PRO A 29 -1.83 7.35 19.96
C PRO A 29 -2.29 6.84 18.61
N ALA A 30 -1.44 6.08 17.93
CA ALA A 30 -1.89 5.38 16.74
C ALA A 30 -2.72 4.17 17.15
N GLY A 31 -3.18 3.40 16.18
CA GLY A 31 -3.94 2.22 16.53
C GLY A 31 -4.25 1.36 15.33
N TYR A 32 -5.19 0.43 15.51
CA TYR A 32 -5.60 -0.46 14.44
C TYR A 32 -7.03 -0.91 14.70
N TYR A 33 -7.72 -1.31 13.64
CA TYR A 33 -9.05 -1.91 13.75
C TYR A 33 -8.93 -3.41 13.49
N LEU A 34 -9.58 -4.21 14.33
CA LEU A 34 -9.40 -5.66 14.27
C LEU A 34 -10.74 -6.39 14.27
N LYS A 35 -10.87 -7.37 13.38
CA LYS A 35 -11.93 -8.39 13.46
C LYS A 35 -11.26 -9.75 13.42
N GLU A 36 -11.33 -10.47 14.54
CA GLU A 36 -10.69 -11.78 14.59
C GLU A 36 -11.56 -12.85 13.95
N SER A 37 -10.90 -13.91 13.48
CA SER A 37 -11.58 -15.08 12.89
C SER A 37 -10.98 -16.29 13.60
N ARG A 38 -11.68 -16.79 14.62
CA ARG A 38 -11.07 -17.72 15.55
C ARG A 38 -10.46 -18.93 14.83
N GLY A 39 -11.12 -19.41 13.78
CA GLY A 39 -10.63 -20.63 13.16
C GLY A 39 -9.41 -20.44 12.28
N SER A 40 -9.06 -19.20 11.93
CA SER A 40 -8.18 -18.96 10.80
C SER A 40 -6.76 -18.65 11.25
N ARG A 41 -5.80 -19.15 10.47
CA ARG A 41 -4.40 -18.81 10.66
C ARG A 41 -3.91 -17.81 9.62
N ARG A 42 -4.81 -17.18 8.89
CA ARG A 42 -4.44 -16.14 7.93
C ARG A 42 -4.72 -14.77 8.54
N TRP A 43 -3.78 -13.84 8.42
CA TRP A 43 -3.93 -12.48 8.92
C TRP A 43 -3.69 -11.47 7.80
N LEU A 44 -4.64 -10.55 7.61
CA LEU A 44 -4.54 -9.49 6.61
C LEU A 44 -4.39 -8.18 7.37
N LEU A 45 -3.24 -7.52 7.19
CA LEU A 45 -2.95 -6.21 7.79
C LEU A 45 -2.92 -5.18 6.68
N PHE A 46 -3.91 -4.28 6.66
CA PHE A 46 -4.09 -3.35 5.55
C PHE A 46 -3.64 -1.95 5.94
N LEU A 47 -2.77 -1.35 5.12
CA LEU A 47 -2.28 0.01 5.33
C LEU A 47 -3.10 0.99 4.51
N GLU A 48 -3.81 1.88 5.19
CA GLU A 48 -4.55 2.95 4.52
C GLU A 48 -3.58 3.92 3.82
N GLY A 49 -4.08 4.59 2.77
CA GLY A 49 -3.35 5.60 2.06
C GLY A 49 -3.93 7.00 2.24
N GLY A 50 -3.51 7.91 1.36
CA GLY A 50 -3.98 9.29 1.38
C GLY A 50 -2.88 10.35 1.32
N TRP A 51 -2.05 10.32 0.27
CA TRP A 51 -0.95 11.24 0.08
C TRP A 51 -0.01 11.32 1.30
N TYR A 52 0.42 12.53 1.66
CA TYR A 52 1.52 12.76 2.59
C TYR A 52 1.68 14.28 2.74
N CYS A 53 2.56 14.67 3.66
CA CYS A 53 2.96 16.07 3.74
C CYS A 53 4.43 16.13 4.09
N PHE A 54 5.14 17.16 3.60
CA PHE A 54 6.60 17.14 3.70
C PHE A 54 7.23 18.41 4.26
N ASN A 55 6.46 19.37 4.77
CA ASN A 55 7.05 20.46 5.53
C ASN A 55 5.97 21.02 6.46
N ARG A 56 6.41 21.90 7.37
CA ARG A 56 5.51 22.46 8.36
C ARG A 56 4.28 23.10 7.73
N GLU A 57 4.48 23.89 6.68
CA GLU A 57 3.36 24.60 6.06
C GLU A 57 2.33 23.63 5.49
N ASN A 58 2.76 22.67 4.68
CA ASN A 58 1.74 21.81 4.06
C ASN A 58 1.20 20.79 5.06
N CYS A 59 1.96 20.47 6.11
CA CYS A 59 1.39 19.62 7.16
C CYS A 59 0.38 20.38 7.99
N ASP A 60 0.63 21.67 8.25
CA ASP A 60 -0.35 22.48 8.96
C ASP A 60 -1.66 22.54 8.20
N SER A 61 -1.59 22.67 6.87
CA SER A 61 -2.81 22.71 6.07
CA SER A 61 -2.82 22.71 6.09
C SER A 61 -3.54 21.37 6.15
N ARG A 62 -2.81 20.27 6.03
CA ARG A 62 -3.42 18.95 6.17
C ARG A 62 -4.06 18.79 7.54
N TYR A 63 -3.49 19.40 8.58
CA TYR A 63 -4.08 19.27 9.91
C TYR A 63 -5.43 19.98 9.99
N ASP A 64 -5.65 20.99 9.15
CA ASP A 64 -6.90 21.75 9.19
C ASP A 64 -8.04 21.01 8.52
N THR A 65 -7.78 20.31 7.43
CA THR A 65 -8.85 19.76 6.61
C THR A 65 -8.74 18.26 6.35
N MET A 66 -7.73 17.59 6.91
CA MET A 66 -7.55 16.16 6.77
C MET A 66 -7.06 15.59 8.10
N ARG A 67 -7.71 16.04 9.18
CA ARG A 67 -7.14 15.78 10.50
C ARG A 67 -7.20 14.32 10.88
N ARG A 68 -8.17 13.56 10.38
CA ARG A 68 -8.22 12.13 10.68
C ARG A 68 -7.00 11.40 10.13
N LEU A 69 -6.29 11.99 9.16
CA LEU A 69 -5.04 11.43 8.65
C LEU A 69 -3.84 11.93 9.42
N MET A 70 -4.07 12.61 10.54
CA MET A 70 -2.99 13.14 11.34
C MET A 70 -3.21 12.98 12.84
N SER A 71 -4.27 12.29 13.25
CA SER A 71 -4.68 12.28 14.64
C SER A 71 -5.73 11.20 14.82
N SER A 72 -5.71 10.55 15.99
CA SER A 72 -6.73 9.57 16.32
C SER A 72 -7.84 10.13 17.19
N ARG A 73 -7.83 11.43 17.47
CA ARG A 73 -8.75 11.94 18.50
C ARG A 73 -10.20 11.78 18.07
N ASP A 74 -10.48 11.80 16.77
CA ASP A 74 -11.84 11.73 16.25
C ASP A 74 -12.15 10.40 15.57
N TRP A 75 -11.32 9.38 15.76
CA TRP A 75 -11.58 8.11 15.08
C TRP A 75 -12.83 7.46 15.65
N PRO A 76 -13.60 6.77 14.83
CA PRO A 76 -14.76 6.04 15.36
C PRO A 76 -14.34 4.73 16.03
N ARG A 77 -15.21 4.24 16.90
CA ARG A 77 -14.86 3.03 17.62
C ARG A 77 -14.89 1.80 16.72
N THR A 78 -15.55 1.85 15.57
CA THR A 78 -15.60 0.70 14.67
C THR A 78 -15.53 1.19 13.22
N ARG A 79 -15.15 0.28 12.33
CA ARG A 79 -15.20 0.47 10.89
C ARG A 79 -15.78 -0.80 10.26
N THR A 80 -16.45 -0.64 9.12
CA THR A 80 -16.92 -1.77 8.33
C THR A 80 -15.82 -2.23 7.39
N GLY A 81 -15.52 -3.53 7.41
CA GLY A 81 -14.57 -4.08 6.44
C GLY A 81 -15.20 -4.16 5.06
N THR A 82 -14.52 -3.62 4.06
CA THR A 82 -15.02 -3.58 2.69
C THR A 82 -13.99 -4.19 1.75
N GLY A 83 -14.48 -4.72 0.64
CA GLY A 83 -13.60 -5.33 -0.34
C GLY A 83 -12.81 -6.50 0.23
N ILE A 84 -11.48 -6.41 0.14
CA ILE A 84 -10.65 -7.50 0.62
C ILE A 84 -10.68 -7.59 2.14
N LEU A 85 -11.18 -6.55 2.81
CA LEU A 85 -11.38 -6.61 4.26
C LEU A 85 -12.79 -7.04 4.64
N SER A 86 -13.63 -7.40 3.68
CA SER A 86 -14.95 -7.91 4.00
C SER A 86 -14.89 -9.36 4.46
N SER A 87 -15.74 -9.71 5.43
CA SER A 87 -15.87 -11.08 5.90
C SER A 87 -16.97 -11.86 5.17
N GLN A 88 -17.60 -11.27 4.15
CA GLN A 88 -18.62 -11.96 3.38
C GLN A 88 -18.01 -12.57 2.12
N PRO A 89 -18.14 -13.88 1.90
CA PRO A 89 -17.54 -14.46 0.68
C PRO A 89 -18.08 -13.86 -0.59
N GLU A 90 -19.33 -13.36 -0.59
CA GLU A 90 -19.87 -12.74 -1.79
C GLU A 90 -19.07 -11.52 -2.20
N GLU A 91 -18.68 -10.70 -1.22
CA GLU A 91 -17.90 -9.50 -1.48
C GLU A 91 -16.40 -9.78 -1.55
N ASN A 92 -15.92 -10.82 -0.87
CA ASN A 92 -14.50 -11.11 -0.76
C ASN A 92 -14.29 -12.60 -1.02
N PRO A 93 -14.26 -13.02 -2.28
CA PRO A 93 -14.01 -14.44 -2.58
C PRO A 93 -12.65 -14.91 -2.14
N TYR A 94 -11.72 -13.99 -1.95
CA TYR A 94 -10.33 -14.39 -1.69
C TYR A 94 -10.12 -14.84 -0.25
N TRP A 95 -10.34 -13.95 0.71
CA TRP A 95 -9.88 -14.18 2.08
C TRP A 95 -10.95 -13.84 3.10
N TRP A 96 -12.23 -14.13 2.80
CA TRP A 96 -13.33 -13.68 3.66
C TRP A 96 -13.23 -14.24 5.07
N ASN A 97 -12.55 -15.36 5.26
CA ASN A 97 -12.50 -15.95 6.59
C ASN A 97 -11.24 -15.54 7.36
N ALA A 98 -10.45 -14.58 6.87
CA ALA A 98 -9.20 -14.26 7.53
C ALA A 98 -9.44 -13.34 8.73
N ASN A 99 -8.44 -13.29 9.61
CA ASN A 99 -8.36 -12.25 10.61
C ASN A 99 -8.06 -10.92 9.91
N MET A 100 -8.88 -9.90 10.15
CA MET A 100 -8.84 -8.65 9.40
C MET A 100 -8.31 -7.52 10.26
N VAL A 101 -7.32 -6.79 9.76
CA VAL A 101 -6.76 -5.65 10.48
C VAL A 101 -6.69 -4.46 9.52
N PHE A 102 -7.26 -3.33 9.92
CA PHE A 102 -7.16 -2.09 9.15
C PHE A 102 -6.32 -1.12 9.98
N ILE A 103 -5.19 -0.65 9.43
CA ILE A 103 -4.29 0.24 10.15
C ILE A 103 -4.47 1.66 9.59
N PRO A 104 -5.12 2.56 10.32
CA PRO A 104 -5.30 3.93 9.82
C PRO A 104 -3.98 4.64 9.58
N TYR A 105 -3.98 5.44 8.52
CA TYR A 105 -2.80 6.19 8.10
C TYR A 105 -2.87 7.53 8.82
N CYS A 106 -2.08 7.69 9.86
CA CYS A 106 -2.12 8.98 10.54
C CYS A 106 -0.72 9.57 10.72
N SER A 107 0.24 9.16 9.88
CA SER A 107 1.61 9.62 9.97
C SER A 107 2.08 10.43 8.76
N SER A 108 1.27 10.54 7.70
CA SER A 108 1.53 11.42 6.56
C SER A 108 2.94 11.26 5.98
N ASP A 109 3.53 10.06 6.08
CA ASP A 109 4.93 9.85 5.71
C ASP A 109 5.13 8.66 4.79
N VAL A 110 4.10 8.24 4.06
CA VAL A 110 4.15 7.03 3.24
C VAL A 110 4.63 5.84 4.08
N TRP A 111 4.30 5.85 5.37
CA TRP A 111 4.60 4.74 6.28
C TRP A 111 6.11 4.53 6.45
N SER A 112 6.90 5.59 6.30
CA SER A 112 8.35 5.46 6.32
C SER A 112 9.00 6.08 7.56
N GLY A 113 8.26 6.81 8.38
CA GLY A 113 8.89 7.66 9.37
C GLY A 113 9.27 6.93 10.64
N ALA A 114 10.32 7.44 11.30
CA ALA A 114 10.73 6.95 12.61
C ALA A 114 11.16 8.12 13.51
N SER A 115 10.29 9.12 13.66
CA SER A 115 10.65 10.34 14.37
C SER A 115 9.52 10.81 15.28
N SER A 116 9.86 11.20 16.50
CA SER A 116 8.87 11.59 17.50
C SER A 116 8.62 13.08 17.50
N LYS A 117 7.42 13.46 17.95
CA LYS A 117 7.13 14.86 18.27
C LYS A 117 7.94 15.27 19.51
N SER A 118 8.59 16.42 19.44
CA SER A 118 9.51 16.84 20.49
C SER A 118 9.69 18.35 20.43
N GLU A 119 10.61 18.88 21.24
CA GLU A 119 10.85 20.32 21.23
C GLU A 119 11.37 20.77 19.87
N LYS A 120 11.96 19.86 19.11
CA LYS A 120 12.50 20.15 17.79
C LYS A 120 11.52 19.85 16.66
N ASN A 121 10.47 19.07 16.93
CA ASN A 121 9.57 18.57 15.89
C ASN A 121 8.14 18.89 16.27
N GLU A 122 7.47 19.69 15.44
CA GLU A 122 6.05 19.96 15.66
C GLU A 122 5.21 18.70 15.50
N TYR A 123 5.61 17.83 14.58
CA TYR A 123 4.85 16.63 14.26
C TYR A 123 5.70 15.38 14.44
N ALA A 124 5.04 14.29 14.81
CA ALA A 124 5.65 12.97 14.81
C ALA A 124 5.37 12.29 13.48
N PHE A 125 6.39 11.64 12.93
CA PHE A 125 6.29 10.85 11.70
C PHE A 125 6.77 9.44 12.05
N MET A 126 5.84 8.56 12.40
CA MET A 126 6.21 7.27 12.97
C MET A 126 5.64 6.10 12.19
N GLY A 127 5.33 6.28 10.90
CA GLY A 127 4.67 5.21 10.15
C GLY A 127 5.37 3.86 10.22
N ALA A 128 6.69 3.84 10.05
CA ALA A 128 7.39 2.55 10.08
C ALA A 128 7.28 1.91 11.47
N LEU A 129 7.27 2.73 12.52
CA LEU A 129 7.16 2.22 13.88
C LEU A 129 5.75 1.83 14.23
N ILE A 130 4.74 2.50 13.65
CA ILE A 130 3.37 2.09 13.86
C ILE A 130 3.16 0.66 13.40
N ILE A 131 3.64 0.33 12.19
CA ILE A 131 3.51 -1.03 11.67
C ILE A 131 4.18 -2.03 12.61
N GLN A 132 5.42 -1.74 13.03
CA GLN A 132 6.11 -2.66 13.94
C GLN A 132 5.34 -2.85 15.24
N GLU A 133 4.74 -1.77 15.77
CA GLU A 133 4.04 -1.87 17.05
C GLU A 133 2.71 -2.62 16.91
N VAL A 134 2.01 -2.42 15.78
CA VAL A 134 0.77 -3.16 15.54
C VAL A 134 1.07 -4.65 15.51
N VAL A 135 2.11 -5.03 14.76
CA VAL A 135 2.50 -6.44 14.67
C VAL A 135 2.84 -6.98 16.04
N ARG A 136 3.63 -6.22 16.81
CA ARG A 136 4.01 -6.66 18.15
C ARG A 136 2.78 -6.88 19.03
N GLU A 137 1.83 -5.95 19.01
CA GLU A 137 0.68 -6.10 19.89
C GLU A 137 -0.28 -7.19 19.40
N LEU A 138 -0.33 -7.44 18.08
CA LEU A 138 -1.21 -8.48 17.58
C LEU A 138 -0.70 -9.88 17.91
N LEU A 139 0.62 -10.03 18.12
CA LEU A 139 1.14 -11.36 18.40
C LEU A 139 0.52 -11.94 19.67
N GLY A 140 0.17 -11.09 20.64
CA GLY A 140 -0.56 -11.52 21.81
C GLY A 140 -2.05 -11.69 21.64
N ARG A 141 -2.57 -11.37 20.45
CA ARG A 141 -3.99 -11.51 20.18
C ARG A 141 -4.29 -12.59 19.15
N GLY A 142 -3.32 -13.46 18.87
CA GLY A 142 -3.56 -14.54 17.92
C GLY A 142 -2.56 -14.62 16.79
N LEU A 143 -1.86 -13.53 16.49
CA LEU A 143 -0.97 -13.55 15.34
C LEU A 143 0.17 -14.56 15.54
N SER A 144 0.49 -14.87 16.79
CA SER A 144 1.54 -15.84 17.06
C SER A 144 1.25 -17.21 16.44
N GLY A 145 -0.03 -17.55 16.27
CA GLY A 145 -0.46 -18.77 15.64
C GLY A 145 -0.67 -18.69 14.14
N ALA A 146 -0.27 -17.59 13.51
CA ALA A 146 -0.52 -17.42 12.09
C ALA A 146 0.38 -18.32 11.25
N LYS A 147 -0.12 -18.67 10.06
CA LYS A 147 0.69 -19.26 9.02
C LYS A 147 1.02 -18.29 7.89
N VAL A 148 0.15 -17.33 7.60
CA VAL A 148 0.41 -16.31 6.57
C VAL A 148 0.03 -14.95 7.14
N LEU A 149 0.94 -13.97 7.03
CA LEU A 149 0.62 -12.58 7.31
C LEU A 149 0.77 -11.83 5.99
N LEU A 150 -0.36 -11.38 5.44
CA LEU A 150 -0.38 -10.58 4.21
C LEU A 150 -0.45 -9.11 4.61
N LEU A 151 0.62 -8.38 4.32
CA LEU A 151 0.68 -6.93 4.52
C LEU A 151 0.20 -6.27 3.23
N ALA A 152 -1.01 -5.73 3.26
CA ALA A 152 -1.60 -5.08 2.10
C ALA A 152 -1.73 -3.58 2.35
N GLY A 153 -2.03 -2.84 1.29
CA GLY A 153 -2.13 -1.41 1.39
C GLY A 153 -2.51 -0.78 0.06
N SER A 154 -3.19 0.36 0.10
CA SER A 154 -3.60 1.09 -1.10
C SER A 154 -3.01 2.50 -1.07
N SER A 155 -2.63 3.02 -2.25
CA SER A 155 -2.12 4.39 -2.42
CA SER A 155 -2.12 4.38 -2.42
C SER A 155 -0.83 4.51 -1.62
N ALA A 156 -0.69 5.52 -0.74
CA ALA A 156 0.50 5.61 0.10
C ALA A 156 0.69 4.32 0.90
N GLY A 157 -0.40 3.60 1.20
CA GLY A 157 -0.28 2.33 1.90
C GLY A 157 0.30 1.24 1.03
N GLY A 158 0.05 1.32 -0.28
CA GLY A 158 0.69 0.38 -1.20
C GLY A 158 2.18 0.57 -1.25
N THR A 159 2.62 1.84 -1.37
CA THR A 159 4.05 2.12 -1.27
C THR A 159 4.56 1.70 0.09
N GLY A 160 3.74 1.87 1.12
CA GLY A 160 4.12 1.44 2.46
C GLY A 160 4.38 -0.06 2.56
N VAL A 161 3.63 -0.87 1.80
CA VAL A 161 3.88 -2.31 1.76
C VAL A 161 5.29 -2.58 1.27
N LEU A 162 5.66 -1.95 0.16
CA LEU A 162 7.00 -2.17 -0.41
C LEU A 162 8.09 -1.72 0.56
N LEU A 163 7.84 -0.65 1.31
CA LEU A 163 8.89 -0.13 2.20
C LEU A 163 9.00 -0.98 3.48
N ASN A 164 7.95 -1.68 3.86
CA ASN A 164 7.93 -2.32 5.17
C ASN A 164 7.81 -3.85 5.20
N VAL A 165 7.46 -4.50 4.09
CA VAL A 165 7.14 -5.94 4.16
C VAL A 165 8.35 -6.74 4.64
N ASP A 166 9.55 -6.41 4.15
CA ASP A 166 10.73 -7.14 4.58
C ASP A 166 11.07 -6.82 6.03
N ARG A 167 10.73 -5.63 6.51
CA ARG A 167 10.99 -5.34 7.92
C ARG A 167 10.06 -6.11 8.83
N VAL A 168 8.80 -6.28 8.43
CA VAL A 168 7.89 -7.15 9.18
C VAL A 168 8.42 -8.58 9.21
N ALA A 169 8.92 -9.08 8.07
CA ALA A 169 9.47 -10.43 8.04
C ALA A 169 10.66 -10.57 8.97
N GLU A 170 11.56 -9.58 8.94
CA GLU A 170 12.72 -9.60 9.82
C GLU A 170 12.29 -9.48 11.29
N GLN A 171 11.30 -8.65 11.57
CA GLN A 171 10.81 -8.49 12.93
C GLN A 171 10.31 -9.82 13.49
N LEU A 172 9.48 -10.54 12.73
CA LEU A 172 8.96 -11.81 13.22
C LEU A 172 10.05 -12.85 13.36
N GLU A 173 11.01 -12.86 12.44
CA GLU A 173 12.15 -13.77 12.55
C GLU A 173 12.90 -13.54 13.84
N LYS A 174 13.14 -12.28 14.17
CA LYS A 174 13.93 -11.98 15.36
C LYS A 174 13.15 -12.19 16.64
N LEU A 175 11.82 -12.07 16.59
CA LEU A 175 11.02 -12.37 17.76
C LEU A 175 10.78 -13.85 17.97
N GLY A 176 11.26 -14.70 17.08
CA GLY A 176 11.13 -16.13 17.28
C GLY A 176 9.94 -16.75 16.59
N TYR A 177 9.44 -16.16 15.51
CA TYR A 177 8.30 -16.69 14.78
C TYR A 177 8.66 -16.94 13.31
N PRO A 178 9.60 -17.84 13.04
CA PRO A 178 10.07 -18.01 11.66
C PRO A 178 9.08 -18.74 10.77
N ALA A 179 8.00 -19.31 11.32
CA ALA A 179 7.04 -20.06 10.53
C ALA A 179 5.93 -19.19 9.94
N ILE A 180 5.80 -17.95 10.37
CA ILE A 180 4.81 -17.05 9.78
C ILE A 180 5.34 -16.58 8.43
N GLN A 181 4.63 -16.90 7.36
CA GLN A 181 5.03 -16.46 6.04
C GLN A 181 4.51 -15.04 5.82
N VAL A 182 5.40 -14.07 5.71
CA VAL A 182 5.04 -12.68 5.43
C VAL A 182 5.03 -12.49 3.93
N ARG A 183 3.94 -11.92 3.41
CA ARG A 183 3.78 -11.59 2.00
C ARG A 183 3.26 -10.16 1.90
N GLY A 184 3.39 -9.57 0.72
CA GLY A 184 2.92 -8.20 0.50
C GLY A 184 1.94 -8.11 -0.66
N LEU A 185 1.01 -7.16 -0.54
CA LEU A 185 0.05 -6.83 -1.60
C LEU A 185 0.00 -5.32 -1.70
N ALA A 186 0.62 -4.78 -2.74
CA ALA A 186 0.80 -3.34 -2.91
C ALA A 186 -0.16 -2.88 -4.00
N ASP A 187 -1.17 -2.09 -3.62
CA ASP A 187 -2.21 -1.63 -4.53
C ASP A 187 -2.06 -0.14 -4.77
N SER A 188 -1.93 0.26 -6.03
CA SER A 188 -1.90 1.68 -6.41
C SER A 188 -0.76 2.43 -5.73
N GLY A 189 0.37 1.76 -5.52
CA GLY A 189 1.52 2.39 -4.89
C GLY A 189 2.78 2.23 -5.69
N TRP A 190 2.64 2.00 -7.00
CA TRP A 190 3.75 1.69 -7.90
C TRP A 190 3.84 2.85 -8.90
N PHE A 191 4.67 3.83 -8.58
CA PHE A 191 4.76 5.09 -9.29
C PHE A 191 6.03 5.18 -10.12
N LEU A 192 5.98 6.07 -11.12
CA LEU A 192 7.10 6.34 -12.01
C LEU A 192 7.67 7.71 -11.70
N ASP A 193 8.99 7.79 -11.60
CA ASP A 193 9.66 9.09 -11.48
C ASP A 193 9.97 9.64 -12.88
N ASN A 194 8.89 9.93 -13.61
CA ASN A 194 8.98 10.32 -15.00
C ASN A 194 8.89 11.84 -15.13
N LYS A 195 9.01 12.33 -16.37
CA LYS A 195 8.85 13.75 -16.61
C LYS A 195 7.38 14.14 -16.61
N GLN A 196 7.07 15.28 -16.01
CA GLN A 196 5.72 15.80 -16.05
C GLN A 196 5.32 16.16 -17.48
N TYR A 197 4.01 16.13 -17.74
CA TYR A 197 3.50 16.58 -19.03
C TYR A 197 3.69 18.08 -19.19
N ARG A 198 3.41 18.85 -18.14
CA ARG A 198 3.77 20.27 -18.05
C ARG A 198 4.44 20.52 -16.70
N HIS A 199 5.53 21.27 -16.71
CA HIS A 199 6.29 21.53 -15.48
C HIS A 199 5.71 22.70 -14.69
N PRO A 210 7.58 15.31 -7.46
CA PRO A 210 7.46 13.89 -7.09
C PRO A 210 8.76 13.36 -6.49
N THR A 211 9.84 13.38 -7.27
CA THR A 211 11.14 13.07 -6.68
C THR A 211 11.54 14.09 -5.63
N GLU A 212 11.27 15.37 -5.87
CA GLU A 212 11.64 16.40 -4.91
C GLU A 212 10.78 16.31 -3.65
N ALA A 213 9.49 16.03 -3.81
CA ALA A 213 8.60 15.83 -2.66
C ALA A 213 9.13 14.76 -1.72
N ILE A 214 9.46 13.59 -2.28
CA ILE A 214 9.99 12.48 -1.47
C ILE A 214 11.34 12.84 -0.86
N ARG A 215 12.20 13.51 -1.64
CA ARG A 215 13.51 13.94 -1.11
C ARG A 215 13.35 14.79 0.15
N ARG A 216 12.48 15.80 0.08
CA ARG A 216 12.25 16.63 1.26
C ARG A 216 11.52 15.84 2.35
N GLY A 217 10.58 14.99 1.95
CA GLY A 217 9.86 14.17 2.93
C GLY A 217 10.79 13.34 3.78
N ILE A 218 11.74 12.63 3.16
CA ILE A 218 12.60 11.73 3.92
C ILE A 218 13.35 12.46 5.01
N ARG A 219 13.85 13.67 4.71
CA ARG A 219 14.55 14.44 5.72
C ARG A 219 13.60 14.91 6.81
N TYR A 220 12.44 15.44 6.41
CA TYR A 220 11.46 15.93 7.38
C TYR A 220 10.93 14.81 8.26
N TRP A 221 10.77 13.60 7.71
CA TRP A 221 10.21 12.48 8.44
C TRP A 221 11.24 11.65 9.19
N ASN A 222 12.53 11.80 8.88
CA ASN A 222 13.52 10.78 9.22
C ASN A 222 13.08 9.44 8.64
N GLY A 223 12.81 9.43 7.33
CA GLY A 223 12.20 8.27 6.71
C GLY A 223 13.20 7.15 6.54
N VAL A 224 12.72 5.91 6.65
CA VAL A 224 13.56 4.74 6.52
C VAL A 224 13.08 3.89 5.34
N VAL A 225 14.04 3.23 4.70
CA VAL A 225 13.77 2.44 3.50
C VAL A 225 14.36 1.06 3.71
N PRO A 226 13.99 0.07 2.89
CA PRO A 226 14.53 -1.28 3.10
C PRO A 226 16.03 -1.32 2.93
N GLU A 227 16.66 -2.22 3.71
CA GLU A 227 18.11 -2.24 3.85
C GLU A 227 18.83 -2.48 2.54
N ARG A 228 18.41 -3.49 1.76
CA ARG A 228 19.17 -3.78 0.53
C ARG A 228 19.06 -2.63 -0.45
N CYS A 229 17.89 -2.00 -0.53
CA CYS A 229 17.72 -0.83 -1.41
C CYS A 229 18.54 0.34 -0.90
N ARG A 230 18.53 0.58 0.41
CA ARG A 230 19.37 1.62 1.00
C ARG A 230 20.84 1.42 0.66
N ARG A 231 21.29 0.16 0.66
CA ARG A 231 22.70 -0.11 0.40
C ARG A 231 23.05 0.14 -1.07
N GLN A 232 22.08 -0.06 -1.98
CA GLN A 232 22.34 0.24 -3.39
C GLN A 232 22.41 1.74 -3.64
N PHE A 233 21.43 2.49 -3.16
CA PHE A 233 21.36 3.90 -3.56
C PHE A 233 22.16 4.81 -2.63
N GLN A 234 22.30 4.43 -1.37
CA GLN A 234 23.14 5.09 -0.37
C GLN A 234 22.66 6.47 0.06
N GLU A 235 23.41 7.08 0.98
CA GLU A 235 23.01 8.31 1.62
C GLU A 235 22.66 9.39 0.61
N GLY A 236 21.56 10.10 0.87
CA GLY A 236 21.09 11.16 0.00
C GLY A 236 20.23 10.69 -1.15
N GLU A 237 20.28 9.41 -1.49
CA GLU A 237 19.55 8.91 -2.65
C GLU A 237 18.50 7.88 -2.25
N GLU A 238 18.15 7.81 -0.96
CA GLU A 238 17.15 6.85 -0.53
C GLU A 238 15.77 7.14 -1.09
N TRP A 239 15.51 8.35 -1.59
CA TRP A 239 14.23 8.64 -2.23
C TRP A 239 13.92 7.64 -3.34
N ASN A 240 14.96 7.04 -3.93
CA ASN A 240 14.77 6.09 -5.01
C ASN A 240 13.96 4.89 -4.57
N CYS A 241 14.08 4.52 -3.29
CA CYS A 241 13.44 3.31 -2.78
C CYS A 241 11.94 3.47 -2.59
N PHE A 242 11.40 4.67 -2.77
CA PHE A 242 9.96 4.87 -2.76
C PHE A 242 9.33 4.55 -4.11
N PHE A 243 10.12 4.26 -5.13
CA PHE A 243 9.59 3.95 -6.45
C PHE A 243 9.63 2.45 -6.66
N GLY A 244 8.45 1.86 -6.81
CA GLY A 244 8.27 0.42 -6.90
C GLY A 244 9.26 -0.30 -7.80
N TYR A 245 9.43 0.14 -9.03
CA TYR A 245 10.29 -0.62 -9.93
C TYR A 245 11.74 -0.63 -9.47
N LYS A 246 12.15 0.27 -8.57
CA LYS A 246 13.50 0.28 -8.02
C LYS A 246 13.62 -0.54 -6.73
N VAL A 247 12.61 -0.51 -5.88
CA VAL A 247 12.69 -1.20 -4.59
C VAL A 247 12.28 -2.66 -4.72
N TYR A 248 11.28 -2.97 -5.56
CA TYR A 248 10.80 -4.34 -5.70
C TYR A 248 11.92 -5.36 -5.96
N PRO A 249 12.88 -5.14 -6.85
CA PRO A 249 13.91 -6.17 -7.09
C PRO A 249 14.80 -6.43 -5.89
N THR A 250 14.80 -5.56 -4.87
CA THR A 250 15.60 -5.78 -3.69
C THR A 250 14.87 -6.59 -2.62
N LEU A 251 13.58 -6.83 -2.77
CA LEU A 251 12.80 -7.45 -1.71
C LEU A 251 12.89 -8.96 -1.74
N ARG A 252 12.84 -9.57 -0.56
CA ARG A 252 12.83 -11.03 -0.47
C ARG A 252 11.44 -11.61 -0.28
N SER A 253 10.53 -10.89 0.36
CA SER A 253 9.19 -11.43 0.60
C SER A 253 8.39 -11.43 -0.71
N PRO A 254 7.51 -12.41 -0.91
CA PRO A 254 6.63 -12.38 -2.10
C PRO A 254 5.73 -11.16 -2.08
N VAL A 255 5.70 -10.42 -3.19
CA VAL A 255 4.84 -9.23 -3.27
C VAL A 255 4.00 -9.31 -4.55
N PHE A 256 2.68 -9.20 -4.38
CA PHE A 256 1.74 -9.08 -5.48
C PHE A 256 1.51 -7.58 -5.72
N VAL A 257 1.61 -7.14 -6.98
CA VAL A 257 1.51 -5.71 -7.33
C VAL A 257 0.22 -5.50 -8.09
N VAL A 258 -0.63 -4.61 -7.59
CA VAL A 258 -1.85 -4.17 -8.27
C VAL A 258 -1.67 -2.71 -8.66
N GLN A 259 -1.86 -2.40 -9.94
CA GLN A 259 -1.60 -1.02 -10.39
C GLN A 259 -2.37 -0.74 -11.67
N TRP A 260 -3.27 0.23 -11.64
CA TRP A 260 -3.88 0.72 -12.87
C TRP A 260 -2.78 1.24 -13.78
N LEU A 261 -2.90 0.99 -15.09
CA LEU A 261 -1.91 1.48 -16.03
C LEU A 261 -1.95 3.01 -16.13
N PHE A 262 -3.11 3.60 -15.91
CA PHE A 262 -3.23 5.04 -15.94
C PHE A 262 -3.75 5.53 -14.60
N ASP A 263 -2.94 5.36 -13.56
CA ASP A 263 -3.35 5.74 -12.21
C ASP A 263 -3.60 7.24 -12.11
N GLU A 264 -4.75 7.61 -11.53
CA GLU A 264 -5.09 9.03 -11.42
C GLU A 264 -4.06 9.81 -10.62
N ALA A 265 -3.48 9.20 -9.59
CA ALA A 265 -2.50 9.92 -8.79
C ALA A 265 -1.20 10.12 -9.57
N GLN A 266 -0.82 9.13 -10.39
CA GLN A 266 0.32 9.34 -11.28
C GLN A 266 0.06 10.50 -12.25
N LEU A 267 -1.13 10.53 -12.84
CA LEU A 267 -1.43 11.63 -13.76
C LEU A 267 -1.44 12.97 -13.03
N THR A 268 -1.92 12.99 -11.79
CA THR A 268 -1.91 14.23 -11.01
C THR A 268 -0.50 14.76 -10.81
N VAL A 269 0.42 13.91 -10.34
CA VAL A 269 1.79 14.37 -10.13
C VAL A 269 2.48 14.64 -11.46
N ASP A 270 1.96 14.12 -12.57
CA ASP A 270 2.48 14.45 -13.89
C ASP A 270 1.83 15.70 -14.49
N ASN A 271 0.96 16.36 -13.73
CA ASN A 271 0.27 17.57 -14.16
C ASN A 271 -0.58 17.34 -15.41
N VAL A 272 -1.25 16.19 -15.45
CA VAL A 272 -2.24 15.87 -16.47
C VAL A 272 -3.62 15.94 -15.84
N HIS A 273 -4.52 16.70 -16.48
CA HIS A 273 -5.90 16.81 -15.99
C HIS A 273 -6.93 16.50 -17.06
N PRO A 278 -11.34 16.30 -25.46
CA PRO A 278 -10.75 16.38 -26.80
C PRO A 278 -9.20 16.39 -26.76
N VAL A 279 -8.61 15.21 -26.61
CA VAL A 279 -7.19 15.08 -26.33
C VAL A 279 -6.39 15.23 -27.62
N GLN A 280 -5.40 16.12 -27.62
CA GLN A 280 -4.57 16.33 -28.79
C GLN A 280 -3.33 15.44 -28.76
N GLU A 281 -2.55 15.51 -29.85
CA GLU A 281 -1.51 14.53 -30.13
C GLU A 281 -0.48 14.44 -29.02
N GLY A 282 0.02 15.60 -28.55
CA GLY A 282 1.06 15.56 -27.53
C GLY A 282 0.62 14.83 -26.28
N LEU A 283 -0.58 15.16 -25.79
CA LEU A 283 -1.11 14.50 -24.60
C LEU A 283 -1.46 13.05 -24.88
N ARG A 284 -1.98 12.75 -26.08
CA ARG A 284 -2.25 11.35 -26.40
C ARG A 284 -0.97 10.54 -26.35
N LEU A 285 0.09 11.07 -26.94
CA LEU A 285 1.36 10.33 -26.91
C LEU A 285 1.89 10.22 -25.50
N TYR A 286 1.68 11.27 -24.68
CA TYR A 286 2.15 11.20 -23.30
C TYR A 286 1.45 10.09 -22.53
N ILE A 287 0.13 10.02 -22.66
CA ILE A 287 -0.65 9.02 -21.92
C ILE A 287 -0.29 7.62 -22.40
N GLN A 288 -0.16 7.43 -23.72
CA GLN A 288 0.18 6.11 -24.23
C GLN A 288 1.57 5.68 -23.78
N ASN A 289 2.51 6.62 -23.75
CA ASN A 289 3.86 6.32 -23.29
CA ASN A 289 3.85 6.29 -23.29
C ASN A 289 3.86 5.95 -21.81
N LEU A 290 3.03 6.63 -21.02
CA LEU A 290 2.94 6.29 -19.60
C LEU A 290 2.47 4.86 -19.41
N GLY A 291 1.41 4.46 -20.10
CA GLY A 291 0.95 3.07 -19.98
C GLY A 291 1.99 2.08 -20.45
N ARG A 292 2.69 2.40 -21.55
CA ARG A 292 3.73 1.51 -22.02
C ARG A 292 4.85 1.38 -21.00
N GLU A 293 5.21 2.49 -20.34
CA GLU A 293 6.31 2.45 -19.36
C GLU A 293 5.89 1.65 -18.15
N LEU A 294 4.66 1.87 -17.67
CA LEU A 294 4.19 1.09 -16.54
C LEU A 294 4.20 -0.38 -16.87
N ARG A 295 3.66 -0.75 -18.04
CA ARG A 295 3.67 -2.16 -18.46
C ARG A 295 5.10 -2.70 -18.48
N HIS A 296 6.05 -1.90 -18.97
CA HIS A 296 7.44 -2.35 -19.01
C HIS A 296 7.97 -2.65 -17.62
N THR A 297 7.64 -1.81 -16.64
CA THR A 297 8.20 -2.05 -15.32
C THR A 297 7.62 -3.29 -14.67
N LEU A 298 6.47 -3.77 -15.17
CA LEU A 298 5.85 -4.97 -14.60
C LEU A 298 6.22 -6.24 -15.34
N LYS A 299 7.01 -6.15 -16.41
CA LYS A 299 7.27 -7.32 -17.26
C LYS A 299 7.87 -8.47 -16.45
N ASP A 300 8.73 -8.16 -15.48
CA ASP A 300 9.40 -9.17 -14.66
C ASP A 300 8.81 -9.26 -13.27
N VAL A 301 7.58 -8.81 -13.08
CA VAL A 301 6.90 -8.96 -11.79
C VAL A 301 5.92 -10.13 -11.93
N PRO A 302 6.26 -11.31 -11.40
CA PRO A 302 5.43 -12.50 -11.71
C PRO A 302 4.02 -12.41 -11.19
N ALA A 303 3.79 -11.76 -10.05
CA ALA A 303 2.45 -11.67 -9.47
C ALA A 303 1.99 -10.23 -9.58
N SER A 304 1.14 -9.94 -10.57
CA SER A 304 0.74 -8.56 -10.77
C SER A 304 -0.60 -8.54 -11.47
N PHE A 305 -1.35 -7.46 -11.25
CA PHE A 305 -2.67 -7.26 -11.82
C PHE A 305 -2.72 -5.80 -12.25
N ALA A 306 -2.71 -5.54 -13.54
CA ALA A 306 -2.55 -4.16 -14.03
C ALA A 306 -3.50 -3.87 -15.18
N PRO A 307 -4.71 -3.44 -14.87
CA PRO A 307 -5.70 -3.15 -15.91
C PRO A 307 -5.49 -1.78 -16.54
N ALA A 308 -5.91 -1.69 -17.79
CA ALA A 308 -5.79 -0.46 -18.59
C ALA A 308 -6.99 0.46 -18.35
N CYS A 309 -7.00 1.07 -17.16
CA CYS A 309 -8.05 1.95 -16.70
C CYS A 309 -7.44 3.21 -16.12
N LEU A 310 -8.19 4.30 -16.23
CA LEU A 310 -7.92 5.55 -15.52
C LEU A 310 -8.74 5.50 -14.24
N SER A 311 -8.08 5.27 -13.10
CA SER A 311 -8.79 5.09 -11.83
C SER A 311 -7.82 5.27 -10.67
N HIS A 312 -8.30 5.04 -9.45
CA HIS A 312 -7.48 5.26 -8.25
C HIS A 312 -7.88 4.27 -7.17
N GLU A 313 -6.94 3.39 -6.78
CA GLU A 313 -7.10 2.33 -5.76
C GLU A 313 -8.07 1.25 -6.23
N ILE A 314 -8.13 0.12 -5.51
CA ILE A 314 -9.04 -0.95 -5.90
C ILE A 314 -9.46 -1.82 -4.72
N ILE A 315 -8.53 -2.24 -3.88
CA ILE A 315 -8.80 -3.49 -3.19
C ILE A 315 -9.73 -3.36 -1.99
N ILE A 316 -9.98 -2.19 -1.42
CA ILE A 316 -10.97 -2.16 -0.33
C ILE A 316 -12.30 -1.58 -0.77
N ARG A 317 -12.52 -1.44 -2.08
CA ARG A 317 -13.83 -1.02 -2.53
C ARG A 317 -14.73 -2.23 -2.67
N SER A 318 -16.03 -2.01 -2.44
CA SER A 318 -16.94 -3.15 -2.35
C SER A 318 -17.05 -3.90 -3.66
N HIS A 319 -16.92 -3.21 -4.80
CA HIS A 319 -17.02 -3.86 -6.10
C HIS A 319 -15.66 -4.17 -6.71
N TRP A 320 -14.65 -4.41 -5.86
CA TRP A 320 -13.33 -4.76 -6.37
C TRP A 320 -13.34 -6.04 -7.20
N THR A 321 -14.36 -6.89 -7.06
CA THR A 321 -14.43 -8.16 -7.79
C THR A 321 -14.74 -7.99 -9.26
N ASP A 322 -15.15 -6.80 -9.69
CA ASP A 322 -15.72 -6.65 -11.02
C ASP A 322 -14.69 -6.54 -12.13
N VAL A 323 -13.50 -6.01 -11.86
CA VAL A 323 -12.54 -5.77 -12.94
C VAL A 323 -11.85 -7.10 -13.27
N GLN A 324 -11.60 -7.31 -14.55
CA GLN A 324 -10.91 -8.51 -15.01
C GLN A 324 -9.81 -8.13 -16.00
N VAL A 325 -8.72 -8.88 -15.98
CA VAL A 325 -7.70 -8.80 -17.03
C VAL A 325 -7.59 -10.17 -17.67
N LYS A 326 -7.70 -10.19 -19.01
CA LYS A 326 -7.68 -11.45 -19.75
C LYS A 326 -8.69 -12.45 -19.16
N GLY A 327 -9.83 -11.93 -18.69
CA GLY A 327 -10.91 -12.73 -18.17
C GLY A 327 -10.73 -13.23 -16.75
N THR A 328 -9.72 -12.77 -16.01
CA THR A 328 -9.47 -13.20 -14.64
C THR A 328 -9.64 -12.00 -13.71
N SER A 329 -10.42 -12.19 -12.62
CA SER A 329 -10.60 -11.13 -11.66
C SER A 329 -9.42 -11.06 -10.69
N LEU A 330 -9.32 -9.96 -9.95
CA LEU A 330 -8.26 -9.87 -8.93
C LEU A 330 -8.43 -10.90 -7.82
N PRO A 331 -9.62 -11.11 -7.25
CA PRO A 331 -9.73 -12.16 -6.22
C PRO A 331 -9.29 -13.51 -6.75
N ARG A 332 -9.58 -13.83 -8.02
CA ARG A 332 -9.08 -15.09 -8.56
C ARG A 332 -7.56 -15.07 -8.69
N ALA A 333 -7.00 -13.98 -9.21
CA ALA A 333 -5.54 -13.88 -9.33
C ALA A 333 -4.85 -14.09 -7.99
N LEU A 334 -5.41 -13.50 -6.93
CA LEU A 334 -4.80 -13.62 -5.61
C LEU A 334 -4.90 -15.05 -5.08
N HIS A 335 -6.03 -15.71 -5.34
CA HIS A 335 -6.14 -17.13 -5.00
C HIS A 335 -5.12 -17.96 -5.76
N CYS A 336 -4.91 -17.67 -7.05
CA CYS A 336 -3.88 -18.40 -7.82
C CYS A 336 -2.49 -18.12 -7.26
N TRP A 337 -2.24 -16.89 -6.84
CA TRP A 337 -1.01 -16.56 -6.13
C TRP A 337 -0.85 -17.43 -4.88
N ASP A 338 -1.91 -17.50 -4.05
CA ASP A 338 -1.88 -18.39 -2.89
C ASP A 338 -1.47 -19.80 -3.29
N ARG A 339 -2.08 -20.33 -4.35
CA ARG A 339 -1.77 -21.69 -4.78
C ARG A 339 -0.32 -21.81 -5.22
N SER A 340 0.17 -20.81 -5.95
CA SER A 340 1.54 -20.83 -6.45
C SER A 340 2.57 -20.84 -5.33
N LEU A 341 2.19 -20.38 -4.14
CA LEU A 341 3.08 -20.34 -2.99
C LEU A 341 2.91 -21.52 -2.05
N HIS A 342 2.04 -22.47 -2.38
CA HIS A 342 1.88 -23.70 -1.60
C HIS A 342 3.23 -24.37 -1.34
N THR A 350 6.33 -24.26 -11.25
CA THR A 350 5.57 -24.46 -12.49
C THR A 350 4.24 -23.71 -12.42
N PRO A 351 3.84 -23.11 -13.54
CA PRO A 351 2.59 -22.35 -13.56
C PRO A 351 1.37 -23.25 -13.48
N LEU A 352 0.24 -22.65 -13.11
CA LEU A 352 -0.99 -23.38 -12.85
C LEU A 352 -1.94 -23.28 -14.04
N LYS A 353 -2.57 -24.40 -14.37
CA LYS A 353 -3.47 -24.45 -15.52
C LYS A 353 -4.70 -23.60 -15.25
N GLY A 354 -4.94 -22.60 -16.07
CA GLY A 354 -6.11 -21.77 -15.89
C GLY A 354 -6.16 -20.97 -14.61
N CYS A 355 -5.03 -20.80 -13.92
CA CYS A 355 -4.97 -20.03 -12.68
C CYS A 355 -3.79 -19.08 -12.75
N PRO A 356 -3.91 -18.02 -13.55
CA PRO A 356 -2.77 -17.12 -13.77
C PRO A 356 -2.56 -16.16 -12.61
N VAL A 357 -1.30 -15.72 -12.49
CA VAL A 357 -0.92 -14.71 -11.51
C VAL A 357 -0.36 -13.45 -12.14
N HIS A 358 0.04 -13.48 -13.42
CA HIS A 358 0.66 -12.32 -14.08
C HIS A 358 -0.34 -11.81 -15.11
N LEU A 359 -1.01 -10.71 -14.78
CA LEU A 359 -2.15 -10.22 -15.58
C LEU A 359 -1.96 -8.73 -15.84
N VAL A 360 -1.33 -8.40 -16.97
CA VAL A 360 -1.04 -7.02 -17.31
C VAL A 360 -1.70 -6.75 -18.65
N ASP A 361 -2.57 -5.73 -18.70
CA ASP A 361 -3.22 -5.40 -19.97
C ASP A 361 -2.19 -4.90 -20.96
N SER A 362 -2.45 -5.17 -22.24
CA SER A 362 -1.57 -4.68 -23.30
C SER A 362 -2.21 -3.62 -24.17
N CYS A 363 -3.49 -3.32 -23.97
CA CYS A 363 -4.11 -2.33 -24.83
C CYS A 363 -3.71 -0.93 -24.34
N PRO A 364 -3.65 0.05 -25.23
CA PRO A 364 -2.83 1.24 -24.95
C PRO A 364 -3.59 2.48 -24.49
N TRP A 365 -4.88 2.39 -24.16
CA TRP A 365 -5.64 3.61 -23.81
C TRP A 365 -6.59 3.34 -22.65
N PRO A 366 -6.75 4.31 -21.74
CA PRO A 366 -7.74 4.13 -20.66
C PRO A 366 -9.08 3.62 -21.14
N HIS A 367 -9.59 2.59 -20.46
CA HIS A 367 -10.90 1.98 -20.70
C HIS A 367 -10.94 1.17 -21.99
N CYS A 368 -9.78 0.82 -22.57
CA CYS A 368 -9.76 -0.21 -23.60
C CYS A 368 -10.10 -1.57 -23.01
N ASN A 369 -10.04 -1.71 -21.68
CA ASN A 369 -10.56 -2.86 -20.98
C ASN A 369 -12.01 -2.58 -20.64
N PRO A 370 -12.96 -3.37 -21.11
CA PRO A 370 -14.38 -3.05 -20.85
C PRO A 370 -14.79 -3.20 -19.39
N SER A 371 -14.01 -3.87 -18.54
CA SER A 371 -14.39 -4.08 -17.15
C SER A 371 -13.87 -2.98 -16.22
N CYS A 372 -13.29 -1.92 -16.76
CA CYS A 372 -12.78 -0.81 -15.95
C CYS A 372 -13.91 -0.20 -15.11
N PRO A 373 -13.58 0.32 -13.92
CA PRO A 373 -14.61 0.99 -13.10
C PRO A 373 -15.28 2.13 -13.85
N THR A 374 -16.60 2.27 -13.64
CA THR A 374 -17.39 3.21 -14.44
C THR A 374 -17.27 4.64 -13.96
N GLY A 375 -16.98 4.87 -12.68
CA GLY A 375 -16.89 6.22 -12.17
C GLY A 375 -18.24 6.83 -11.79
S SO4 B . -9.15 -23.22 -8.83
O1 SO4 B . -9.96 -22.06 -8.46
O2 SO4 B . -8.87 -23.18 -10.26
O3 SO4 B . -9.90 -24.45 -8.59
O4 SO4 B . -7.92 -23.26 -8.08
S SO4 C . 8.60 21.91 12.18
O1 SO4 C . 8.23 23.26 12.62
O2 SO4 C . 9.59 22.02 11.13
O3 SO4 C . 7.44 21.21 11.64
O4 SO4 C . 9.15 21.19 13.29
S SO4 D . 16.18 -2.11 8.27
O1 SO4 D . 17.34 -1.33 8.64
O2 SO4 D . 15.70 -1.71 6.94
O3 SO4 D . 16.54 -3.52 8.23
O4 SO4 D . 15.14 -1.91 9.25
S SO4 E . 23.01 -8.87 0.39
O1 SO4 E . 22.41 -8.15 -0.74
O2 SO4 E . 23.74 -7.91 1.21
O3 SO4 E . 21.97 -9.51 1.17
O4 SO4 E . 23.91 -9.90 -0.10
C1 NAG F . 7.54 1.58 22.77
C2 NAG F . 8.55 0.47 23.04
C3 NAG F . 9.92 1.09 23.05
C4 NAG F . 10.29 1.73 21.73
C5 NAG F . 9.30 2.82 21.35
C6 NAG F . 9.46 3.25 19.91
C7 NAG F . 7.54 -1.25 24.70
C8 NAG F . 6.19 -1.30 24.02
N2 NAG F . 8.46 -0.36 24.24
O3 NAG F . 10.82 0.07 23.44
O4 NAG F . 11.60 2.27 21.79
O5 NAG F . 7.93 2.34 21.48
O6 NAG F . 8.72 4.46 19.72
O7 NAG F . 7.82 -2.02 25.63
S DMS G . 9.20 -10.57 -5.06
O DMS G . 7.77 -11.00 -4.92
C1 DMS G . 10.32 -11.58 -4.05
C2 DMS G . 9.52 -8.92 -4.35
N1 63Z H . 0.53 8.57 -2.07
C2 63Z H . 4.89 9.99 -6.06
C4 63Z H . 2.34 8.57 -3.67
C5 63Z H . -1.19 8.97 -3.35
C6 63Z H . -2.64 9.19 -3.68
C8 63Z H . 3.06 7.57 -3.02
C9 63Z H . 4.37 7.34 -3.38
N 63Z H . 0.96 8.75 -3.34
C 63Z H . 4.97 8.11 -4.36
O 63Z H . -3.45 8.94 -2.55
C1 63Z H . 4.26 9.13 -5.01
C3 63Z H . 2.93 9.35 -4.65
C7 63Z H . -0.09 9.01 -4.16
F 63Z H . 5.36 9.27 -7.07
F1 63Z H . 4.04 10.88 -6.58
F2 63Z H . 5.93 10.68 -5.59
N2 63Z H . -0.78 8.70 -2.09
CL 63Z H . 6.60 7.73 -4.80
S SO4 I . -11.03 -17.78 2.47
O1 SO4 I . -10.76 -17.04 3.69
O2 SO4 I . -11.70 -16.89 1.51
O3 SO4 I . -9.80 -18.27 1.89
O4 SO4 I . -11.92 -18.88 2.78
S SO4 J . -4.11 20.15 -22.66
O1 SO4 J . -3.69 19.98 -21.27
O2 SO4 J . -4.62 21.51 -22.88
O3 SO4 J . -2.97 19.91 -23.53
O4 SO4 J . -5.17 19.21 -22.97
#